data_3NR7
#
_entry.id   3NR7
#
_cell.length_a   130.397
_cell.length_b   130.397
_cell.length_c   55.061
_cell.angle_alpha   90.00
_cell.angle_beta   90.00
_cell.angle_gamma   120.00
#
_symmetry.space_group_name_H-M   'P 65'
#
_entity_poly.entity_id   1
_entity_poly.type   'polypeptide(L)'
_entity_poly.pdbx_seq_one_letter_code
;GSHMSEALKILNNIRTLRAQARESTLETLEEMLEKLEVVVNERREEESAAAAEVEERTRKLQQYREMLIADGIDPNELLN
SMAAAK
;
_entity_poly.pdbx_strand_id   A,B
#
# COMPACT_ATOMS: atom_id res chain seq x y z
N SER A 5 -15.46 -8.86 -13.07
CA SER A 5 -15.29 -8.88 -11.58
C SER A 5 -16.23 -7.90 -10.90
N GLU A 6 -16.66 -8.29 -9.70
CA GLU A 6 -17.62 -7.51 -8.94
C GLU A 6 -16.94 -6.65 -7.87
N ALA A 7 -15.84 -7.19 -7.33
CA ALA A 7 -15.10 -6.54 -6.26
C ALA A 7 -14.21 -5.42 -6.79
N LEU A 8 -13.28 -5.80 -7.67
CA LEU A 8 -12.36 -4.87 -8.31
C LEU A 8 -13.13 -3.71 -8.97
N LYS A 9 -14.23 -4.05 -9.64
CA LYS A 9 -15.25 -3.11 -10.10
C LYS A 9 -15.16 -1.81 -9.30
N ILE A 10 -15.28 -1.97 -7.98
CA ILE A 10 -15.49 -0.87 -7.05
C ILE A 10 -14.19 -0.34 -6.47
N LEU A 11 -13.22 -1.23 -6.29
CA LEU A 11 -11.96 -0.85 -5.70
C LEU A 11 -11.15 0.00 -6.67
N ASN A 12 -11.70 0.21 -7.87
CA ASN A 12 -11.13 1.19 -8.78
C ASN A 12 -11.72 2.58 -8.58
N ASN A 13 -12.78 2.69 -7.79
CA ASN A 13 -13.44 3.96 -7.68
C ASN A 13 -13.47 4.58 -6.31
N ILE A 14 -12.84 5.75 -6.23
CA ILE A 14 -12.62 6.45 -4.97
C ILE A 14 -13.90 6.60 -4.20
N ARG A 15 -14.79 7.48 -4.67
CA ARG A 15 -16.00 7.79 -3.94
C ARG A 15 -16.66 6.53 -3.45
N THR A 16 -16.66 5.50 -4.30
CA THR A 16 -17.30 4.24 -3.97
C THR A 16 -16.51 3.61 -2.85
N LEU A 17 -15.21 3.77 -2.93
CA LEU A 17 -14.36 3.19 -1.92
C LEU A 17 -14.64 3.88 -0.61
N ARG A 18 -14.19 5.14 -0.47
CA ARG A 18 -14.34 5.94 0.73
C ARG A 18 -15.55 5.47 1.49
N ALA A 19 -16.62 5.25 0.73
CA ALA A 19 -17.88 4.73 1.26
C ALA A 19 -17.65 3.40 1.91
N GLN A 20 -17.47 2.37 1.10
CA GLN A 20 -17.37 1.05 1.67
C GLN A 20 -16.28 1.02 2.72
N ALA A 21 -15.53 2.11 2.82
CA ALA A 21 -14.41 2.19 3.74
C ALA A 21 -14.93 2.52 5.12
N ARG A 22 -15.82 3.50 5.16
CA ARG A 22 -16.46 3.90 6.41
C ARG A 22 -16.86 2.64 7.16
N GLU A 23 -16.95 1.55 6.42
CA GLU A 23 -17.48 0.31 6.96
C GLU A 23 -16.60 -0.27 8.07
N SER A 24 -15.28 -0.14 7.92
CA SER A 24 -14.38 -0.85 8.80
C SER A 24 -13.42 0.07 9.50
N THR A 25 -12.92 -0.39 10.64
CA THR A 25 -11.92 0.35 11.39
C THR A 25 -10.66 0.36 10.60
N LEU A 26 -10.00 1.51 10.60
CA LEU A 26 -8.65 1.61 10.10
C LEU A 26 -7.96 0.28 10.22
N GLU A 27 -7.77 -0.15 11.47
CA GLU A 27 -7.02 -1.36 11.79
C GLU A 27 -7.02 -2.33 10.64
N THR A 28 -8.23 -2.61 10.16
CA THR A 28 -8.44 -3.51 9.05
C THR A 28 -7.80 -2.99 7.80
N LEU A 29 -8.36 -1.88 7.33
CA LEU A 29 -7.93 -1.25 6.10
C LEU A 29 -6.43 -1.19 6.08
N GLU A 30 -5.87 -0.52 7.08
CA GLU A 30 -4.43 -0.37 7.21
C GLU A 30 -3.71 -1.69 7.04
N GLU A 31 -4.23 -2.73 7.69
CA GLU A 31 -3.55 -4.01 7.69
C GLU A 31 -3.74 -4.65 6.36
N MET A 32 -4.92 -4.47 5.83
CA MET A 32 -5.26 -5.11 4.61
C MET A 32 -4.67 -4.41 3.39
N LEU A 33 -4.34 -3.13 3.53
CA LEU A 33 -3.54 -2.48 2.51
C LEU A 33 -2.19 -3.14 2.42
N GLU A 34 -1.45 -3.14 3.53
CA GLU A 34 -0.16 -3.77 3.62
C GLU A 34 -0.20 -4.98 2.72
N LYS A 35 -1.23 -5.79 2.94
CA LYS A 35 -1.53 -6.96 2.14
C LYS A 35 -1.52 -6.60 0.67
N LEU A 36 -2.47 -5.78 0.25
CA LEU A 36 -2.50 -5.47 -1.15
C LEU A 36 -1.12 -5.17 -1.59
N GLU A 37 -0.60 -4.10 -1.02
CA GLU A 37 0.73 -3.63 -1.27
C GLU A 37 1.76 -4.73 -1.58
N VAL A 38 1.76 -5.81 -0.82
CA VAL A 38 2.74 -6.81 -1.17
C VAL A 38 2.37 -7.47 -2.47
N VAL A 39 1.13 -7.91 -2.57
CA VAL A 39 0.71 -8.50 -3.82
C VAL A 39 1.27 -7.68 -4.96
N VAL A 40 0.89 -6.42 -5.04
CA VAL A 40 1.49 -5.54 -5.99
C VAL A 40 2.95 -5.90 -6.20
N ASN A 41 3.87 -5.54 -5.32
CA ASN A 41 5.26 -5.88 -5.62
C ASN A 41 5.48 -7.26 -6.17
N GLU A 42 4.79 -8.21 -5.56
CA GLU A 42 4.83 -9.58 -5.99
C GLU A 42 4.77 -9.64 -7.51
N ARG A 43 4.02 -8.73 -8.09
CA ARG A 43 3.97 -8.60 -9.52
C ARG A 43 5.11 -7.72 -9.98
N ARG A 44 5.19 -6.51 -9.47
CA ARG A 44 6.23 -5.57 -9.84
C ARG A 44 7.52 -6.35 -9.94
N GLU A 45 7.53 -7.53 -9.34
CA GLU A 45 8.68 -8.36 -9.42
C GLU A 45 8.78 -9.08 -10.74
N GLU A 46 7.92 -10.09 -10.89
CA GLU A 46 7.83 -10.85 -12.10
C GLU A 46 8.01 -9.92 -13.27
N GLU A 47 7.19 -8.87 -13.33
CA GLU A 47 7.32 -7.88 -14.37
C GLU A 47 8.78 -7.43 -14.55
N SER A 48 9.30 -6.63 -13.65
CA SER A 48 10.67 -6.09 -13.77
C SER A 48 11.71 -7.18 -13.97
N ALA A 49 11.36 -8.40 -13.56
CA ALA A 49 12.27 -9.54 -13.62
C ALA A 49 12.41 -10.05 -15.04
N ALA A 50 11.28 -10.32 -15.68
CA ALA A 50 11.26 -10.78 -17.05
C ALA A 50 11.64 -9.64 -17.99
N ALA A 51 11.56 -8.40 -17.51
CA ALA A 51 12.08 -7.26 -18.27
C ALA A 51 13.54 -7.50 -18.62
N ALA A 52 14.39 -7.59 -17.60
CA ALA A 52 15.83 -7.83 -17.80
C ALA A 52 16.01 -9.12 -18.56
N GLU A 53 15.48 -10.21 -18.01
CA GLU A 53 15.61 -11.55 -18.62
C GLU A 53 15.49 -11.45 -20.14
N VAL A 54 14.53 -10.65 -20.61
CA VAL A 54 14.35 -10.44 -22.03
C VAL A 54 15.35 -9.44 -22.62
N GLU A 55 15.09 -8.13 -22.48
CA GLU A 55 15.96 -7.13 -23.13
C GLU A 55 17.40 -7.65 -23.17
N GLU A 56 17.87 -8.15 -22.03
CA GLU A 56 19.22 -8.64 -21.91
C GLU A 56 19.54 -9.58 -23.06
N ARG A 57 18.66 -10.54 -23.30
CA ARG A 57 18.82 -11.43 -24.42
C ARG A 57 19.08 -10.62 -25.68
N THR A 58 18.10 -9.83 -26.09
CA THR A 58 18.20 -9.12 -27.36
C THR A 58 19.37 -8.13 -27.44
N ARG A 59 19.87 -7.68 -26.31
CA ARG A 59 21.07 -6.87 -26.32
C ARG A 59 22.24 -7.68 -26.87
N LYS A 60 22.30 -8.94 -26.47
CA LYS A 60 23.32 -9.85 -26.98
C LYS A 60 23.35 -9.80 -28.49
N LEU A 61 22.17 -9.82 -29.10
CA LEU A 61 22.05 -9.77 -30.54
C LEU A 61 22.75 -8.57 -31.13
N GLN A 62 22.39 -7.38 -30.66
CA GLN A 62 23.08 -6.16 -31.05
C GLN A 62 24.59 -6.36 -31.12
N GLN A 63 25.15 -6.83 -30.01
CA GLN A 63 26.59 -7.08 -29.89
C GLN A 63 27.11 -8.13 -30.85
N TYR A 64 26.35 -9.20 -31.01
CA TYR A 64 26.71 -10.27 -31.93
C TYR A 64 26.61 -9.73 -33.34
N ARG A 65 25.45 -9.14 -33.65
CA ARG A 65 25.20 -8.40 -34.90
C ARG A 65 26.48 -7.64 -35.19
N GLU A 66 26.98 -6.95 -34.17
CA GLU A 66 28.23 -6.23 -34.27
C GLU A 66 29.43 -7.17 -34.39
N MET A 67 29.73 -7.96 -33.34
CA MET A 67 30.97 -8.76 -33.34
C MET A 67 31.12 -9.70 -34.55
N LEU A 68 29.99 -10.06 -35.16
CA LEU A 68 30.05 -10.77 -36.42
C LEU A 68 30.54 -9.87 -37.54
N ILE A 69 29.87 -8.74 -37.70
CA ILE A 69 30.23 -7.85 -38.78
C ILE A 69 31.59 -7.18 -38.51
N ALA A 70 31.94 -7.08 -37.23
CA ALA A 70 33.21 -6.49 -36.79
C ALA A 70 34.37 -7.39 -37.14
N ASP A 71 34.16 -8.69 -37.00
CA ASP A 71 35.07 -9.68 -37.54
C ASP A 71 34.66 -9.97 -38.98
N GLY A 72 34.18 -8.93 -39.65
CA GLY A 72 33.80 -8.98 -41.06
C GLY A 72 32.68 -9.95 -41.38
N ILE A 73 32.62 -11.04 -40.61
CA ILE A 73 31.74 -12.15 -40.90
C ILE A 73 30.43 -11.74 -41.56
N ASP A 74 30.14 -12.36 -42.71
CA ASP A 74 28.84 -12.25 -43.36
C ASP A 74 27.79 -13.03 -42.57
N PRO A 75 26.53 -12.57 -42.57
CA PRO A 75 25.47 -13.27 -41.86
C PRO A 75 25.25 -14.70 -42.34
N ASN A 76 24.33 -14.84 -43.28
CA ASN A 76 23.75 -16.12 -43.70
C ASN A 76 24.68 -17.34 -43.68
N GLU A 77 25.59 -17.39 -44.66
CA GLU A 77 26.54 -18.49 -44.82
C GLU A 77 27.06 -19.03 -43.48
N LEU A 78 27.70 -18.14 -42.71
CA LEU A 78 28.42 -18.53 -41.50
C LEU A 78 27.53 -19.12 -40.42
N LEU A 79 26.31 -18.63 -40.33
CA LEU A 79 25.37 -19.13 -39.36
C LEU A 79 25.21 -20.64 -39.56
N ASN A 80 25.13 -21.05 -40.83
CA ASN A 80 25.03 -22.46 -41.18
C ASN A 80 26.31 -23.21 -40.83
N SER A 81 27.46 -22.55 -40.99
CA SER A 81 28.76 -23.17 -40.70
C SER A 81 28.79 -23.76 -39.29
N MET A 82 28.10 -23.07 -38.38
CA MET A 82 27.98 -23.54 -37.02
C MET A 82 26.65 -24.27 -36.77
N ALA A 83 25.80 -24.32 -37.79
CA ALA A 83 24.54 -25.05 -37.71
C ALA A 83 24.66 -26.52 -38.16
N ALA A 84 25.73 -26.83 -38.91
CA ALA A 84 25.95 -28.21 -39.38
C ALA A 84 27.09 -28.93 -38.64
N ALA A 85 28.00 -28.15 -38.05
CA ALA A 85 29.13 -28.71 -37.30
C ALA A 85 28.87 -28.63 -35.80
N SER B 5 -18.35 -8.33 5.88
CA SER B 5 -18.29 -7.83 4.47
C SER B 5 -18.43 -8.96 3.47
N GLU B 6 -19.04 -8.64 2.34
CA GLU B 6 -19.00 -9.51 1.18
C GLU B 6 -17.64 -9.23 0.55
N ALA B 7 -17.48 -7.96 0.21
CA ALA B 7 -16.29 -7.42 -0.44
C ALA B 7 -15.04 -7.65 0.42
N LEU B 8 -14.66 -6.64 1.19
CA LEU B 8 -13.39 -6.60 1.92
C LEU B 8 -13.04 -7.90 2.65
N LYS B 9 -14.07 -8.64 3.08
CA LYS B 9 -13.86 -9.82 3.92
C LYS B 9 -12.83 -10.81 3.35
N ILE B 10 -12.66 -10.77 2.04
CA ILE B 10 -11.78 -11.69 1.35
C ILE B 10 -10.39 -11.09 1.20
N LEU B 11 -10.37 -9.79 0.95
CA LEU B 11 -9.16 -9.04 0.74
C LEU B 11 -8.33 -9.02 2.02
N ASN B 12 -8.68 -9.90 2.94
CA ASN B 12 -7.93 -10.06 4.16
C ASN B 12 -6.97 -11.23 4.00
N ASN B 13 -7.13 -11.99 2.92
CA ASN B 13 -6.36 -13.19 2.76
C ASN B 13 -5.49 -13.17 1.56
N ILE B 14 -4.27 -12.75 1.78
CA ILE B 14 -3.33 -12.71 0.69
C ILE B 14 -3.52 -13.87 -0.30
N ARG B 15 -3.55 -15.11 0.17
CA ARG B 15 -3.59 -16.24 -0.75
C ARG B 15 -4.62 -15.90 -1.78
N THR B 16 -5.80 -15.62 -1.26
CA THR B 16 -6.98 -15.41 -2.03
C THR B 16 -6.86 -14.11 -2.78
N LEU B 17 -6.14 -13.18 -2.18
CA LEU B 17 -5.91 -11.94 -2.85
C LEU B 17 -5.01 -12.22 -4.04
N ARG B 18 -3.77 -12.57 -3.74
CA ARG B 18 -2.85 -13.10 -4.70
C ARG B 18 -3.65 -13.69 -5.84
N ALA B 19 -4.74 -14.37 -5.49
CA ALA B 19 -5.61 -15.00 -6.47
C ALA B 19 -6.41 -14.03 -7.36
N GLN B 20 -7.52 -13.48 -6.86
CA GLN B 20 -8.35 -12.58 -7.69
C GLN B 20 -7.47 -11.40 -8.16
N ALA B 21 -6.16 -11.59 -7.98
CA ALA B 21 -5.15 -10.63 -8.38
C ALA B 21 -4.59 -10.97 -9.74
N ARG B 22 -4.16 -12.23 -9.90
CA ARG B 22 -3.69 -12.76 -11.20
C ARG B 22 -4.52 -12.15 -12.29
N GLU B 23 -5.80 -12.03 -11.97
CA GLU B 23 -6.80 -11.63 -12.91
C GLU B 23 -6.44 -10.29 -13.56
N SER B 24 -6.12 -9.27 -12.76
CA SER B 24 -5.85 -8.00 -13.40
C SER B 24 -4.38 -7.65 -13.72
N THR B 25 -4.26 -6.60 -14.50
CA THR B 25 -2.98 -6.13 -14.97
C THR B 25 -2.46 -5.25 -13.88
N LEU B 26 -1.22 -5.46 -13.46
CA LEU B 26 -0.67 -4.57 -12.45
C LEU B 26 -1.02 -3.14 -12.88
N GLU B 27 -0.73 -2.77 -14.12
CA GLU B 27 -1.26 -1.52 -14.68
C GLU B 27 -2.37 -1.00 -13.76
N THR B 28 -3.47 -1.73 -13.73
CA THR B 28 -4.64 -1.37 -12.96
C THR B 28 -4.29 -1.51 -11.53
N LEU B 29 -3.96 -2.72 -11.13
CA LEU B 29 -3.68 -3.03 -9.75
C LEU B 29 -2.88 -1.91 -9.19
N GLU B 30 -1.66 -1.74 -9.68
CA GLU B 30 -0.83 -0.62 -9.32
C GLU B 30 -1.67 0.61 -9.04
N GLU B 31 -2.59 0.88 -9.96
CA GLU B 31 -3.33 2.10 -9.95
C GLU B 31 -4.41 2.09 -8.91
N MET B 32 -4.88 0.93 -8.54
CA MET B 32 -5.96 0.91 -7.59
C MET B 32 -5.47 0.89 -6.15
N LEU B 33 -4.28 0.37 -5.96
CA LEU B 33 -3.63 0.54 -4.70
C LEU B 33 -3.51 2.01 -4.49
N GLU B 34 -2.97 2.71 -5.47
CA GLU B 34 -2.88 4.17 -5.41
C GLU B 34 -4.11 4.59 -4.67
N LYS B 35 -5.23 4.33 -5.32
CA LYS B 35 -6.55 4.71 -4.84
C LYS B 35 -6.65 4.41 -3.35
N LEU B 36 -6.65 3.14 -3.02
CA LEU B 36 -6.78 2.79 -1.65
C LEU B 36 -5.79 3.54 -0.79
N GLU B 37 -4.53 3.33 -1.04
CA GLU B 37 -3.62 3.86 -0.10
C GLU B 37 -3.93 5.28 0.23
N VAL B 38 -4.54 6.04 -0.68
CA VAL B 38 -4.83 7.42 -0.28
C VAL B 38 -5.92 7.43 0.76
N VAL B 39 -6.91 6.58 0.50
CA VAL B 39 -8.12 6.50 1.29
C VAL B 39 -7.79 6.23 2.73
N VAL B 40 -6.79 5.41 2.94
CA VAL B 40 -6.34 5.13 4.26
C VAL B 40 -5.81 6.39 4.92
N ASN B 41 -5.04 7.20 4.22
CA ASN B 41 -4.69 8.42 4.84
C ASN B 41 -5.87 9.26 5.13
N GLU B 42 -6.81 9.28 4.19
CA GLU B 42 -8.07 9.98 4.39
C GLU B 42 -8.48 9.78 5.84
N ARG B 43 -8.27 8.57 6.32
CA ARG B 43 -8.52 8.25 7.70
C ARG B 43 -7.33 8.63 8.54
N ARG B 44 -6.18 8.00 8.31
CA ARG B 44 -4.97 8.25 9.11
C ARG B 44 -5.01 9.60 9.82
N GLU B 45 -5.37 10.65 9.09
CA GLU B 45 -5.55 11.96 9.70
C GLU B 45 -6.66 11.94 10.75
N GLU B 46 -7.91 11.88 10.32
CA GLU B 46 -9.07 11.85 11.22
C GLU B 46 -8.75 11.15 12.52
N GLU B 47 -8.13 9.98 12.43
CA GLU B 47 -7.79 9.21 13.62
C GLU B 47 -6.68 9.89 14.41
N SER B 48 -5.50 9.98 13.81
CA SER B 48 -4.39 10.66 14.43
C SER B 48 -4.85 11.97 15.06
N ALA B 49 -5.89 12.56 14.50
CA ALA B 49 -6.56 13.69 15.10
C ALA B 49 -7.10 13.36 16.48
N ALA B 50 -8.30 12.78 16.53
CA ALA B 50 -9.05 12.67 17.78
C ALA B 50 -8.21 12.21 18.96
N ALA B 51 -7.28 11.28 18.72
CA ALA B 51 -6.36 10.79 19.75
C ALA B 51 -5.65 11.95 20.42
N ALA B 52 -4.78 12.62 19.66
CA ALA B 52 -4.11 13.81 20.14
C ALA B 52 -5.06 14.67 20.94
N GLU B 53 -6.15 15.10 20.30
CA GLU B 53 -7.10 15.99 20.92
C GLU B 53 -7.73 15.38 22.15
N VAL B 54 -7.78 14.06 22.23
CA VAL B 54 -8.28 13.43 23.44
C VAL B 54 -7.20 13.23 24.48
N GLU B 55 -6.06 12.68 24.09
CA GLU B 55 -4.96 12.61 25.03
C GLU B 55 -4.60 14.02 25.50
N GLU B 56 -5.05 15.02 24.75
CA GLU B 56 -4.89 16.40 25.15
C GLU B 56 -5.75 16.73 26.35
N ARG B 57 -7.05 16.43 26.24
CA ARG B 57 -7.95 16.77 27.31
C ARG B 57 -7.50 16.07 28.57
N THR B 58 -7.40 14.75 28.50
CA THR B 58 -6.99 13.94 29.65
C THR B 58 -5.63 14.34 30.23
N ARG B 59 -4.75 14.87 29.38
CA ARG B 59 -3.41 15.26 29.81
C ARG B 59 -3.40 16.39 30.82
N LYS B 60 -4.40 17.25 30.74
CA LYS B 60 -4.45 18.39 31.64
C LYS B 60 -4.99 17.92 32.97
N LEU B 61 -5.84 16.90 32.93
CA LEU B 61 -6.30 16.25 34.13
C LEU B 61 -5.13 15.61 34.85
N GLN B 62 -3.99 15.59 34.18
CA GLN B 62 -2.74 15.26 34.84
C GLN B 62 -2.23 16.51 35.54
N GLN B 63 -2.05 17.59 34.77
CA GLN B 63 -1.43 18.82 35.31
C GLN B 63 -2.25 19.46 36.44
N TYR B 64 -3.54 19.12 36.46
CA TYR B 64 -4.45 19.65 37.44
C TYR B 64 -4.42 18.85 38.73
N ARG B 65 -4.58 17.53 38.62
CA ARG B 65 -4.36 16.68 39.79
C ARG B 65 -3.05 17.12 40.40
N GLU B 66 -2.03 17.24 39.55
CA GLU B 66 -0.69 17.68 39.94
C GLU B 66 -0.64 19.09 40.45
N MET B 67 -1.60 19.93 40.07
CA MET B 67 -1.64 21.28 40.60
C MET B 67 -2.49 21.37 41.87
N LEU B 68 -3.64 20.69 41.90
CA LEU B 68 -4.45 20.63 43.10
C LEU B 68 -3.62 20.16 44.26
N ILE B 69 -3.19 18.91 44.14
CA ILE B 69 -2.24 18.31 45.06
C ILE B 69 -1.07 19.27 45.30
N ALA B 70 -0.47 19.78 44.21
CA ALA B 70 0.69 20.67 44.30
C ALA B 70 0.39 22.00 44.99
N ASP B 71 -0.89 22.31 45.16
CA ASP B 71 -1.24 23.46 45.95
C ASP B 71 -2.01 23.00 47.17
N GLY B 72 -1.74 21.76 47.56
CA GLY B 72 -2.24 21.17 48.81
C GLY B 72 -3.75 21.11 48.87
N ILE B 73 -4.37 20.86 47.73
CA ILE B 73 -5.80 21.00 47.63
C ILE B 73 -6.55 19.69 47.60
N ASP B 74 -7.46 19.54 48.55
CA ASP B 74 -8.47 18.52 48.51
C ASP B 74 -9.41 18.86 47.35
N PRO B 75 -9.54 17.95 46.38
CA PRO B 75 -10.51 18.19 45.33
C PRO B 75 -11.90 18.44 45.90
N ASN B 76 -12.44 17.44 46.59
CA ASN B 76 -13.84 17.39 47.04
C ASN B 76 -14.56 18.74 47.11
N GLU B 77 -14.44 19.40 48.26
CA GLU B 77 -15.03 20.73 48.48
C GLU B 77 -14.70 21.73 47.35
N LEU B 78 -13.43 21.78 46.94
CA LEU B 78 -12.94 22.79 46.02
C LEU B 78 -13.60 22.75 44.66
N LEU B 79 -14.12 21.58 44.31
CA LEU B 79 -14.86 21.42 43.08
C LEU B 79 -16.10 22.33 43.08
N ASN B 80 -16.87 22.24 44.17
CA ASN B 80 -18.14 22.97 44.30
C ASN B 80 -17.93 24.46 44.45
N SER B 81 -16.74 24.82 44.90
CA SER B 81 -16.38 26.20 45.20
C SER B 81 -16.56 27.08 43.97
N MET B 82 -15.87 26.71 42.90
CA MET B 82 -15.95 27.44 41.65
C MET B 82 -17.31 27.24 40.99
N ALA B 83 -17.97 26.12 41.30
CA ALA B 83 -19.29 25.81 40.77
C ALA B 83 -20.37 26.82 41.17
N ALA B 84 -20.28 27.37 42.39
CA ALA B 84 -21.25 28.34 42.88
C ALA B 84 -20.87 29.80 42.59
N ALA B 85 -19.58 30.08 42.48
CA ALA B 85 -19.09 31.42 42.17
C ALA B 85 -18.14 31.41 40.97
#